data_7S8J
#
_entry.id   7S8J
#
_cell.length_a   60.549
_cell.length_b   73.334
_cell.length_c   110.031
_cell.angle_alpha   90.000
_cell.angle_beta   90.000
_cell.angle_gamma   90.000
#
_symmetry.space_group_name_H-M   'P 21 21 21'
#
loop_
_entity.id
_entity.type
_entity.pdbx_description
1 polymer 'TRAV27_LC13 TCR ALPHA CHAIN'
2 polymer 'TRBV27_LC13 TCR BETA CHAIN'
3 non-polymer 'CHLORIDE ION'
4 water water
#
loop_
_entity_poly.entity_id
_entity_poly.type
_entity_poly.pdbx_seq_one_letter_code
_entity_poly.pdbx_strand_id
1 'polypeptide(L)'
;MQLLEQSPQFLSIQEGENLTVYCNSSSVFSSLQWYRQEPGEGPVLLVTVVTGGEVKKLKRLTFQFGDARKDSSLHITAAQ
PGDTGLYLCAGYGGGSNYKLTFGKGTLLTVNPYIQNPDPAVYQLRDSKSSDKSVCLFTDFDSQTNVSQSKDSDVYITDKC
VLDMRSMDFKSNSAVAWSNKSDFACANAFNNSIIPEDTFFPSPESS
;
A
2 'polypeptide(L)'
;MQVTQNPRYLITVTGKKLTVTCSQNMNHEYMSWYRQDPGLGLRQIYYSMNVEVTDKGDVPEGYKVSRKEKRNFPLILESP
SPNQTSLYFCASRLTGRVHGYTFGSGTRLTVVEDLKNVFPPEVAVFEPSEAEISHTQKATLVCLATGFYPDHVELSWWVN
GKEVHSGVCTDPQPLKEQPALNDSRYALSSRLRVSATFWQNPRNHFRCQVQFYGLSENDEWTQDRAKPVTQIVSAEAWGR
AD
;
B
#
# COMPACT_ATOMS: atom_id res chain seq x y z
N MET A 1 11.94 -25.55 1.40
CA MET A 1 10.45 -25.48 1.44
C MET A 1 9.99 -25.00 2.82
N GLN A 2 9.10 -24.01 2.84
CA GLN A 2 8.53 -23.48 4.11
C GLN A 2 7.43 -24.45 4.57
N LEU A 3 7.03 -24.35 5.84
CA LEU A 3 5.82 -25.06 6.36
C LEU A 3 4.63 -24.77 5.42
N LEU A 4 4.38 -23.50 5.10
CA LEU A 4 3.26 -23.13 4.18
C LEU A 4 3.80 -22.36 2.99
N GLU A 5 3.70 -22.96 1.81
CA GLU A 5 4.21 -22.37 0.53
C GLU A 5 3.02 -21.79 -0.24
N GLN A 6 2.98 -20.48 -0.42
CA GLN A 6 1.95 -19.83 -1.28
C GLN A 6 2.52 -19.48 -2.65
N SER A 7 1.74 -19.75 -3.68
CA SER A 7 2.14 -19.52 -5.09
C SER A 7 0.93 -19.01 -5.84
N PRO A 8 1.08 -17.99 -6.70
CA PRO A 8 2.34 -17.27 -6.85
C PRO A 8 2.52 -16.17 -5.79
N GLN A 9 3.77 -15.73 -5.54
CA GLN A 9 4.05 -14.69 -4.53
C GLN A 9 3.41 -13.38 -4.95
N PHE A 10 3.51 -13.06 -6.25
CA PHE A 10 2.96 -11.83 -6.90
C PHE A 10 2.10 -12.29 -8.06
N LEU A 11 0.90 -11.72 -8.19
CA LEU A 11 0.04 -11.97 -9.37
C LEU A 11 -0.58 -10.66 -9.85
N SER A 12 -0.35 -10.34 -11.12
CA SER A 12 -0.99 -9.19 -11.80
C SER A 12 -1.92 -9.80 -12.85
N ILE A 13 -3.20 -9.46 -12.74
CA ILE A 13 -4.32 -10.00 -13.57
C ILE A 13 -5.09 -8.79 -14.10
N GLN A 14 -5.90 -8.97 -15.15
CA GLN A 14 -6.75 -7.89 -15.70
C GLN A 14 -8.21 -8.13 -15.29
N GLU A 15 -8.95 -7.05 -15.13
CA GLU A 15 -10.39 -7.12 -14.78
C GLU A 15 -11.11 -8.11 -15.70
N GLY A 16 -11.89 -8.99 -15.09
CA GLY A 16 -12.70 -10.00 -15.79
C GLY A 16 -11.99 -11.33 -15.98
N GLU A 17 -10.70 -11.44 -15.71
CA GLU A 17 -9.99 -12.74 -15.78
C GLU A 17 -10.39 -13.57 -14.55
N ASN A 18 -10.34 -14.89 -14.67
CA ASN A 18 -10.43 -15.80 -13.50
C ASN A 18 -9.02 -16.09 -13.02
N LEU A 19 -8.86 -16.52 -11.77
CA LEU A 19 -7.52 -16.80 -11.20
C LEU A 19 -7.66 -17.83 -10.08
N THR A 20 -6.63 -18.63 -9.89
CA THR A 20 -6.52 -19.55 -8.73
C THR A 20 -5.14 -19.36 -8.10
N VAL A 21 -5.09 -19.27 -6.78
CA VAL A 21 -3.82 -19.16 -6.01
C VAL A 21 -3.78 -20.32 -5.02
N TYR A 22 -2.58 -20.75 -4.66
CA TYR A 22 -2.34 -22.05 -3.99
C TYR A 22 -1.62 -21.84 -2.67
N CYS A 23 -1.93 -22.75 -1.74
CA CYS A 23 -1.32 -22.87 -0.40
C CYS A 23 -1.01 -24.36 -0.21
N ASN A 24 0.26 -24.71 -0.10
CA ASN A 24 0.74 -26.12 -0.13
C ASN A 24 1.71 -26.34 1.03
N SER A 25 1.68 -27.55 1.60
CA SER A 25 2.57 -27.98 2.72
C SER A 25 2.88 -29.45 2.52
N SER A 26 3.97 -29.91 3.12
CA SER A 26 4.30 -31.35 3.26
C SER A 26 3.60 -31.91 4.51
N SER A 27 3.10 -31.03 5.39
CA SER A 27 2.36 -31.39 6.62
C SER A 27 0.83 -31.40 6.40
N VAL A 28 0.15 -32.31 7.09
CA VAL A 28 -1.33 -32.38 7.15
C VAL A 28 -1.78 -31.33 8.16
N PHE A 29 -2.78 -30.53 7.83
CA PHE A 29 -3.39 -29.54 8.76
C PHE A 29 -4.80 -29.98 9.11
N SER A 30 -5.21 -29.79 10.36
CA SER A 30 -6.60 -30.05 10.80
C SER A 30 -7.52 -29.02 10.12
N SER A 31 -6.98 -27.83 9.81
CA SER A 31 -7.73 -26.71 9.20
C SER A 31 -6.75 -25.73 8.57
N LEU A 32 -7.21 -24.99 7.56
CA LEU A 32 -6.43 -23.88 6.96
C LEU A 32 -7.33 -22.67 6.93
N GLN A 33 -6.74 -21.51 7.18
CA GLN A 33 -7.42 -20.21 7.25
C GLN A 33 -6.91 -19.33 6.12
N TRP A 34 -7.80 -18.54 5.54
CA TRP A 34 -7.47 -17.52 4.54
C TRP A 34 -7.81 -16.14 5.09
N TYR A 35 -6.88 -15.21 4.92
CA TYR A 35 -7.04 -13.79 5.34
C TYR A 35 -6.82 -12.93 4.11
N ARG A 36 -7.49 -11.79 4.10
CA ARG A 36 -7.19 -10.73 3.12
C ARG A 36 -6.61 -9.54 3.88
N GLN A 37 -5.58 -8.92 3.31
CA GLN A 37 -4.99 -7.71 3.92
C GLN A 37 -4.91 -6.60 2.86
N GLU A 38 -5.40 -5.42 3.22
CA GLU A 38 -5.29 -4.18 2.38
C GLU A 38 -4.30 -3.22 3.01
N PRO A 39 -3.61 -2.38 2.20
CA PRO A 39 -2.69 -1.36 2.73
C PRO A 39 -3.41 -0.46 3.76
N GLY A 40 -2.75 -0.21 4.89
CA GLY A 40 -3.29 0.57 6.02
C GLY A 40 -4.23 -0.24 6.91
N GLU A 41 -4.30 -1.56 6.72
CA GLU A 41 -5.24 -2.46 7.44
C GLU A 41 -4.51 -3.71 7.97
N GLY A 42 -5.08 -4.32 9.01
CA GLY A 42 -4.69 -5.65 9.47
C GLY A 42 -5.32 -6.72 8.60
N PRO A 43 -4.71 -7.92 8.51
CA PRO A 43 -5.35 -9.05 7.86
C PRO A 43 -6.77 -9.24 8.42
N VAL A 44 -7.71 -9.61 7.56
CA VAL A 44 -9.09 -9.97 7.98
C VAL A 44 -9.38 -11.41 7.55
N LEU A 45 -9.86 -12.23 8.47
CA LEU A 45 -10.19 -13.64 8.18
C LEU A 45 -11.33 -13.70 7.16
N LEU A 46 -11.16 -14.51 6.12
CA LEU A 46 -12.18 -14.77 5.07
C LEU A 46 -12.96 -16.02 5.45
N VAL A 47 -12.29 -17.16 5.50
CA VAL A 47 -12.94 -18.47 5.80
C VAL A 47 -11.86 -19.35 6.42
N THR A 48 -12.32 -20.43 7.06
CA THR A 48 -11.51 -21.54 7.57
C THR A 48 -12.09 -22.78 6.87
N VAL A 49 -11.22 -23.61 6.33
CA VAL A 49 -11.62 -24.95 5.81
C VAL A 49 -11.15 -25.98 6.83
N VAL A 50 -12.02 -26.94 7.15
CA VAL A 50 -11.82 -27.89 8.29
C VAL A 50 -11.99 -29.33 7.81
N THR A 51 -12.90 -29.56 6.88
CA THR A 51 -13.23 -30.92 6.40
C THR A 51 -12.39 -31.22 5.16
N GLY A 52 -11.61 -32.31 5.20
CA GLY A 52 -10.85 -32.78 4.03
C GLY A 52 -11.68 -32.76 2.77
N GLY A 53 -11.20 -32.08 1.73
CA GLY A 53 -11.82 -32.15 0.40
C GLY A 53 -12.90 -31.13 0.19
N GLU A 54 -13.22 -30.32 1.20
CA GLU A 54 -14.44 -29.49 1.18
C GLU A 54 -14.25 -28.25 0.30
N VAL A 55 -15.34 -27.72 -0.21
CA VAL A 55 -15.39 -26.39 -0.87
C VAL A 55 -16.21 -25.44 0.01
N LYS A 56 -15.80 -24.17 0.06
CA LYS A 56 -16.52 -23.08 0.73
C LYS A 56 -16.56 -21.90 -0.24
N LYS A 57 -17.72 -21.30 -0.41
CA LYS A 57 -17.89 -20.18 -1.28
C LYS A 57 -18.24 -18.97 -0.48
N LEU A 58 -17.62 -17.88 -0.85
CA LEU A 58 -17.82 -16.58 -0.28
C LEU A 58 -17.94 -15.66 -1.48
N LYS A 59 -19.14 -15.58 -2.03
CA LYS A 59 -19.39 -14.74 -3.18
C LYS A 59 -18.59 -15.20 -4.39
N ARG A 60 -17.80 -14.31 -4.99
CA ARG A 60 -16.98 -14.62 -6.14
C ARG A 60 -15.76 -15.48 -5.78
N LEU A 61 -15.50 -15.66 -4.50
CA LEU A 61 -14.37 -16.46 -4.02
C LEU A 61 -14.75 -17.88 -3.61
N THR A 62 -14.01 -18.86 -4.13
CA THR A 62 -14.20 -20.29 -3.84
C THR A 62 -12.91 -20.83 -3.22
N PHE A 63 -13.03 -21.48 -2.08
CA PHE A 63 -11.88 -22.05 -1.33
C PHE A 63 -12.03 -23.56 -1.36
N GLN A 64 -11.00 -24.27 -1.78
CA GLN A 64 -10.98 -25.75 -1.74
C GLN A 64 -9.96 -26.18 -0.72
N PHE A 65 -10.29 -27.21 0.06
CA PHE A 65 -9.35 -27.93 0.97
C PHE A 65 -9.00 -29.24 0.30
N GLY A 66 -7.72 -29.55 0.11
CA GLY A 66 -7.32 -30.80 -0.54
C GLY A 66 -7.85 -31.99 0.23
N ASP A 67 -8.00 -33.13 -0.43
CA ASP A 67 -8.47 -34.40 0.20
C ASP A 67 -7.50 -34.84 1.30
N ALA A 68 -6.18 -34.69 1.11
CA ALA A 68 -5.14 -35.10 2.08
C ALA A 68 -4.90 -34.00 3.14
N ARG A 69 -5.56 -32.84 3.02
CA ARG A 69 -5.45 -31.70 3.98
C ARG A 69 -4.02 -31.15 4.03
N LYS A 70 -3.34 -31.15 2.89
CA LYS A 70 -1.97 -30.60 2.72
C LYS A 70 -2.03 -29.37 1.82
N ASP A 71 -3.22 -29.02 1.31
CA ASP A 71 -3.35 -27.95 0.27
C ASP A 71 -4.67 -27.20 0.39
N SER A 72 -4.66 -25.97 -0.07
CA SER A 72 -5.88 -25.17 -0.25
C SER A 72 -5.67 -24.23 -1.43
N SER A 73 -6.73 -24.02 -2.19
CA SER A 73 -6.75 -23.04 -3.29
C SER A 73 -7.82 -21.99 -3.01
N LEU A 74 -7.58 -20.81 -3.55
CA LEU A 74 -8.51 -19.65 -3.55
C LEU A 74 -8.72 -19.32 -5.02
N HIS A 75 -9.95 -19.43 -5.51
CA HIS A 75 -10.31 -19.15 -6.91
C HIS A 75 -11.18 -17.90 -6.93
N ILE A 76 -10.88 -16.97 -7.83
CA ILE A 76 -11.76 -15.77 -8.01
C ILE A 76 -12.29 -15.82 -9.44
N THR A 77 -13.61 -15.66 -9.61
CA THR A 77 -14.24 -15.49 -10.93
C THR A 77 -14.38 -13.99 -11.25
N ALA A 78 -14.02 -13.60 -12.48
CA ALA A 78 -14.25 -12.24 -13.02
C ALA A 78 -13.66 -11.21 -12.05
N ALA A 79 -12.34 -11.19 -11.94
CA ALA A 79 -11.60 -10.30 -11.03
C ALA A 79 -12.05 -8.85 -11.23
N GLN A 80 -12.16 -8.13 -10.12
CA GLN A 80 -12.56 -6.71 -10.04
C GLN A 80 -11.45 -5.94 -9.33
N PRO A 81 -11.34 -4.62 -9.53
CA PRO A 81 -10.35 -3.80 -8.80
C PRO A 81 -10.45 -4.00 -7.29
N GLY A 82 -11.66 -4.27 -6.79
CA GLY A 82 -11.87 -4.46 -5.34
C GLY A 82 -11.17 -5.71 -4.83
N ASP A 83 -10.74 -6.61 -5.73
CA ASP A 83 -10.09 -7.91 -5.36
C ASP A 83 -8.61 -7.68 -5.03
N THR A 84 -8.04 -6.57 -5.46
CA THR A 84 -6.61 -6.23 -5.25
C THR A 84 -6.29 -6.33 -3.76
N GLY A 85 -5.23 -7.05 -3.40
CA GLY A 85 -4.79 -7.16 -2.00
C GLY A 85 -3.91 -8.37 -1.77
N LEU A 86 -3.56 -8.57 -0.51
CA LEU A 86 -2.68 -9.67 -0.07
C LEU A 86 -3.57 -10.78 0.48
N TYR A 87 -3.48 -11.98 -0.09
CA TYR A 87 -4.23 -13.18 0.33
C TYR A 87 -3.28 -14.10 1.10
N LEU A 88 -3.51 -14.24 2.40
CA LEU A 88 -2.66 -15.07 3.29
C LEU A 88 -3.38 -16.37 3.62
N CYS A 89 -2.63 -17.46 3.60
CA CYS A 89 -3.14 -18.74 4.18
CA CYS A 89 -3.03 -18.79 4.10
C CYS A 89 -2.37 -18.98 5.47
N ALA A 90 -3.06 -19.55 6.46
CA ALA A 90 -2.46 -19.79 7.80
C ALA A 90 -2.94 -21.11 8.40
N GLY A 91 -2.12 -21.73 9.25
CA GLY A 91 -2.55 -22.93 10.00
C GLY A 91 -1.70 -23.17 11.23
N TYR A 92 -2.19 -24.01 12.14
CA TYR A 92 -1.46 -24.47 13.33
C TYR A 92 -0.55 -25.61 12.89
N GLY A 93 0.64 -25.27 12.41
CA GLY A 93 1.70 -26.24 12.03
C GLY A 93 2.88 -26.11 12.97
N GLY A 94 3.81 -27.07 12.92
CA GLY A 94 5.03 -27.08 13.76
C GLY A 94 4.71 -26.92 15.23
N GLY A 95 3.92 -27.86 15.78
CA GLY A 95 3.75 -28.07 17.23
C GLY A 95 3.14 -26.87 17.92
N SER A 96 1.96 -26.45 17.47
CA SER A 96 1.23 -25.23 17.91
C SER A 96 -0.27 -25.53 18.04
N ASN A 97 -0.88 -25.40 19.23
CA ASN A 97 -2.36 -25.30 19.34
C ASN A 97 -2.75 -23.81 19.21
N TYR A 98 -1.86 -22.89 19.57
CA TYR A 98 -2.21 -21.46 19.82
C TYR A 98 -1.56 -20.52 18.79
N LYS A 99 -0.40 -20.89 18.23
CA LYS A 99 0.41 -20.08 17.28
C LYS A 99 0.12 -20.48 15.83
N LEU A 100 -0.55 -19.58 15.09
CA LEU A 100 -0.73 -19.66 13.62
C LEU A 100 0.60 -19.33 12.94
N THR A 101 0.97 -20.13 11.94
CA THR A 101 1.98 -19.75 10.91
C THR A 101 1.27 -19.18 9.68
N PHE A 102 1.73 -18.05 9.18
CA PHE A 102 1.18 -17.36 7.97
C PHE A 102 2.10 -17.63 6.79
N GLY A 103 1.55 -18.14 5.69
CA GLY A 103 2.26 -18.16 4.39
C GLY A 103 2.63 -16.75 3.95
N LYS A 104 3.47 -16.63 2.93
CA LYS A 104 4.01 -15.32 2.47
C LYS A 104 2.94 -14.55 1.68
N GLY A 105 1.86 -15.24 1.28
CA GLY A 105 0.72 -14.60 0.60
C GLY A 105 0.85 -14.61 -0.91
N THR A 106 -0.25 -14.38 -1.60
CA THR A 106 -0.22 -13.92 -3.00
C THR A 106 -0.64 -12.45 -2.97
N LEU A 107 0.23 -11.57 -3.46
CA LEU A 107 -0.09 -10.13 -3.57
C LEU A 107 -0.76 -9.93 -4.94
N LEU A 108 -2.08 -9.77 -4.92
CA LEU A 108 -2.91 -9.72 -6.16
C LEU A 108 -3.08 -8.25 -6.56
N THR A 109 -2.70 -7.94 -7.79
CA THR A 109 -2.94 -6.61 -8.42
C THR A 109 -3.93 -6.84 -9.55
N VAL A 110 -5.06 -6.17 -9.50
CA VAL A 110 -6.05 -6.22 -10.61
C VAL A 110 -5.89 -4.95 -11.43
N ASN A 111 -5.45 -5.14 -12.66
CA ASN A 111 -5.15 -4.07 -13.63
C ASN A 111 -6.35 -3.94 -14.56
N PRO A 112 -6.52 -2.79 -15.22
CA PRO A 112 -7.61 -2.61 -16.17
C PRO A 112 -7.44 -3.49 -17.41
N TYR A 113 -8.56 -3.95 -17.98
CA TYR A 113 -8.57 -4.60 -19.30
C TYR A 113 -8.70 -3.49 -20.35
N ILE A 114 -7.66 -3.32 -21.16
CA ILE A 114 -7.64 -2.27 -22.22
C ILE A 114 -7.84 -2.92 -23.58
N GLN A 115 -9.04 -2.80 -24.14
CA GLN A 115 -9.37 -3.51 -25.40
C GLN A 115 -8.51 -2.96 -26.54
N ASN A 116 -8.43 -1.63 -26.63
CA ASN A 116 -7.75 -0.88 -27.71
C ASN A 116 -6.68 0.00 -27.08
N PRO A 117 -5.49 -0.54 -26.78
CA PRO A 117 -4.39 0.28 -26.27
C PRO A 117 -4.13 1.41 -27.27
N ASP A 118 -3.79 2.57 -26.76
CA ASP A 118 -3.51 3.78 -27.57
C ASP A 118 -2.35 4.51 -26.91
N PRO A 119 -1.19 3.83 -26.75
CA PRO A 119 -0.09 4.33 -25.94
C PRO A 119 0.32 5.72 -26.43
N ALA A 120 0.43 6.67 -25.51
CA ALA A 120 0.76 8.05 -25.86
C ALA A 120 1.54 8.71 -24.73
N VAL A 121 2.41 9.67 -25.08
CA VAL A 121 3.12 10.53 -24.11
C VAL A 121 2.67 11.97 -24.32
N TYR A 122 2.06 12.57 -23.30
CA TYR A 122 1.56 13.97 -23.30
C TYR A 122 2.48 14.84 -22.46
N GLN A 123 2.94 15.95 -23.02
CA GLN A 123 3.72 16.96 -22.25
C GLN A 123 2.71 17.85 -21.54
N LEU A 124 2.77 17.88 -20.22
CA LEU A 124 1.86 18.70 -19.41
C LEU A 124 2.42 20.13 -19.30
N ARG A 125 1.55 21.10 -19.02
CA ARG A 125 1.92 22.52 -18.79
C ARG A 125 2.48 22.59 -17.38
N ASP A 126 3.52 23.38 -17.19
CA ASP A 126 4.18 23.59 -15.86
C ASP A 126 3.13 24.00 -14.82
N SER A 127 3.35 23.62 -13.56
CA SER A 127 2.63 24.14 -12.37
C SER A 127 3.41 25.37 -11.88
N LYS A 128 2.70 26.44 -11.51
CA LYS A 128 3.28 27.71 -11.01
C LYS A 128 4.13 27.43 -9.76
N SER A 129 3.82 26.35 -9.04
CA SER A 129 4.36 26.01 -7.70
C SER A 129 5.55 25.02 -7.78
N SER A 130 5.86 24.44 -8.95
CA SER A 130 6.98 23.49 -9.11
C SER A 130 7.89 23.93 -10.26
N ASP A 131 9.19 23.61 -10.18
CA ASP A 131 10.20 23.83 -11.26
C ASP A 131 10.26 22.61 -12.19
N LYS A 132 9.37 21.63 -12.00
CA LYS A 132 9.37 20.37 -12.80
C LYS A 132 8.57 20.54 -14.11
N SER A 133 9.08 19.99 -15.21
CA SER A 133 8.28 19.63 -16.41
C SER A 133 7.85 18.17 -16.26
N VAL A 134 6.57 17.88 -16.48
CA VAL A 134 5.97 16.52 -16.27
C VAL A 134 5.46 15.95 -17.59
N CYS A 135 5.67 14.66 -17.81
CA CYS A 135 5.25 13.87 -18.99
C CYS A 135 4.37 12.72 -18.52
N LEU A 136 3.24 12.53 -19.17
CA LEU A 136 2.24 11.50 -18.83
C LEU A 136 2.30 10.44 -19.93
N PHE A 137 2.72 9.23 -19.57
CA PHE A 137 2.61 8.04 -20.44
C PHE A 137 1.32 7.32 -20.06
N THR A 138 0.39 7.19 -20.99
CA THR A 138 -0.96 6.65 -20.68
C THR A 138 -1.52 5.87 -21.87
N ASP A 139 -2.55 5.08 -21.58
CA ASP A 139 -3.43 4.38 -22.54
C ASP A 139 -2.68 3.16 -23.08
N PHE A 140 -1.65 2.71 -22.36
CA PHE A 140 -0.91 1.48 -22.69
C PHE A 140 -1.65 0.26 -22.14
N ASP A 141 -1.31 -0.90 -22.70
CA ASP A 141 -1.85 -2.23 -22.35
C ASP A 141 -1.39 -2.62 -20.94
N SER A 142 -2.20 -3.35 -20.19
CA SER A 142 -1.85 -3.77 -18.81
C SER A 142 -0.71 -4.80 -18.78
N GLN A 143 -0.33 -5.40 -19.92
CA GLN A 143 0.87 -6.30 -19.99
C GLN A 143 2.14 -5.45 -20.16
N THR A 144 2.03 -4.17 -20.49
CA THR A 144 3.21 -3.28 -20.57
C THR A 144 3.57 -2.83 -19.15
N ASN A 145 4.83 -2.99 -18.77
CA ASN A 145 5.34 -2.56 -17.44
C ASN A 145 6.11 -1.24 -17.61
N VAL A 146 6.04 -0.39 -16.61
CA VAL A 146 6.97 0.76 -16.38
C VAL A 146 7.52 0.64 -14.97
N SER A 147 8.84 0.56 -14.80
CA SER A 147 9.49 0.47 -13.46
C SER A 147 10.09 1.82 -13.09
N GLN A 148 10.03 2.18 -11.80
CA GLN A 148 10.57 3.47 -11.31
C GLN A 148 12.07 3.53 -11.63
N SER A 149 12.57 4.71 -11.95
N SER A 149 12.57 4.73 -11.92
CA SER A 149 14.02 4.96 -12.11
CA SER A 149 13.99 4.99 -12.19
C SER A 149 14.32 6.43 -11.85
C SER A 149 14.32 6.45 -11.87
N LYS A 150 15.54 6.68 -11.41
CA LYS A 150 16.16 8.02 -11.37
C LYS A 150 17.43 7.93 -12.22
N ASP A 151 17.47 8.64 -13.33
CA ASP A 151 18.68 8.65 -14.20
C ASP A 151 19.06 10.11 -14.40
N SER A 152 20.02 10.55 -13.60
CA SER A 152 20.43 11.96 -13.44
C SER A 152 19.20 12.77 -13.05
N ASP A 153 18.79 13.72 -13.89
CA ASP A 153 17.69 14.69 -13.63
C ASP A 153 16.31 14.06 -13.84
N VAL A 154 16.22 12.89 -14.47
CA VAL A 154 14.96 12.29 -15.00
C VAL A 154 14.45 11.22 -14.03
N TYR A 155 13.28 11.47 -13.45
CA TYR A 155 12.51 10.51 -12.61
C TYR A 155 11.36 9.91 -13.41
N ILE A 156 11.21 8.61 -13.30
CA ILE A 156 10.08 7.84 -13.88
C ILE A 156 9.44 7.03 -12.76
N THR A 157 8.11 7.02 -12.66
CA THR A 157 7.35 6.29 -11.63
C THR A 157 7.14 4.85 -12.11
N ASP A 158 6.97 3.91 -11.18
CA ASP A 158 6.30 2.61 -11.47
C ASP A 158 4.91 2.91 -12.03
N LYS A 159 4.38 2.10 -12.95
CA LYS A 159 2.99 2.30 -13.43
C LYS A 159 2.05 2.20 -12.22
N CYS A 160 0.99 3.00 -12.23
CA CYS A 160 0.05 3.15 -11.07
C CYS A 160 -0.89 1.94 -10.96
N VAL A 161 -1.49 1.77 -9.79
CA VAL A 161 -2.51 0.72 -9.52
C VAL A 161 -3.84 1.42 -9.29
N LEU A 162 -4.90 0.89 -9.91
CA LEU A 162 -6.28 1.43 -9.80
C LEU A 162 -6.63 1.58 -8.32
N ASP A 163 -7.23 2.69 -7.94
CA ASP A 163 -8.03 2.79 -6.70
C ASP A 163 -8.96 1.57 -6.64
N MET A 164 -8.91 0.81 -5.55
CA MET A 164 -9.71 -0.44 -5.35
C MET A 164 -11.18 -0.17 -5.56
N ARG A 165 -11.63 1.06 -5.33
CA ARG A 165 -13.06 1.44 -5.39
C ARG A 165 -13.39 2.13 -6.71
N SER A 166 -12.47 2.18 -7.68
CA SER A 166 -12.74 2.82 -8.99
C SER A 166 -13.78 2.02 -9.76
N MET A 167 -14.79 2.70 -10.30
N MET A 167 -14.79 2.70 -10.31
CA MET A 167 -15.88 2.10 -11.11
CA MET A 167 -15.86 2.06 -11.10
C MET A 167 -15.96 2.78 -12.48
C MET A 167 -15.79 2.54 -12.56
N ASP A 168 -14.96 3.55 -12.87
CA ASP A 168 -14.92 4.16 -14.22
C ASP A 168 -13.55 4.78 -14.51
N PHE A 169 -13.30 5.11 -15.78
CA PHE A 169 -12.08 5.75 -16.29
C PHE A 169 -10.87 4.99 -15.76
N LYS A 170 -10.89 3.68 -15.92
CA LYS A 170 -9.81 2.77 -15.44
C LYS A 170 -8.78 2.60 -16.56
N SER A 171 -7.60 3.21 -16.42
CA SER A 171 -6.57 3.24 -17.49
C SER A 171 -5.19 3.16 -16.83
N ASN A 172 -4.17 2.85 -17.63
CA ASN A 172 -2.77 2.73 -17.16
C ASN A 172 -2.04 4.06 -17.34
N SER A 173 -1.10 4.34 -16.47
CA SER A 173 -0.24 5.52 -16.65
C SER A 173 1.03 5.38 -15.80
N ALA A 174 2.07 6.06 -16.25
CA ALA A 174 3.30 6.35 -15.49
C ALA A 174 3.60 7.82 -15.79
N VAL A 175 4.36 8.46 -14.93
CA VAL A 175 4.80 9.84 -15.20
C VAL A 175 6.32 9.89 -15.17
N ALA A 176 6.85 10.89 -15.87
CA ALA A 176 8.27 11.26 -15.79
C ALA A 176 8.35 12.76 -15.48
N TRP A 177 9.39 13.18 -14.78
CA TRP A 177 9.61 14.63 -14.56
C TRP A 177 11.11 14.94 -14.46
N SER A 178 11.45 16.20 -14.70
CA SER A 178 12.82 16.76 -14.55
C SER A 178 12.71 18.26 -14.33
N ASN A 179 13.71 18.83 -13.69
CA ASN A 179 13.76 20.27 -13.51
C ASN A 179 14.75 20.91 -14.47
N LYS A 180 15.39 20.09 -15.30
CA LYS A 180 16.34 20.59 -16.29
C LYS A 180 15.62 21.34 -17.39
N SER A 181 16.18 22.46 -17.82
CA SER A 181 15.57 23.23 -18.88
C SER A 181 15.67 22.39 -20.14
N ASP A 182 14.72 22.55 -21.05
CA ASP A 182 14.76 21.78 -22.28
C ASP A 182 14.53 20.28 -22.10
N PHE A 183 13.79 19.89 -21.05
CA PHE A 183 13.54 18.48 -20.85
C PHE A 183 12.65 17.92 -21.95
N ALA A 184 13.03 16.78 -22.50
CA ALA A 184 12.26 16.13 -23.59
C ALA A 184 11.55 14.88 -23.04
N CYS A 185 10.22 14.81 -23.22
CA CYS A 185 9.41 13.63 -22.85
C CYS A 185 10.02 12.38 -23.52
N ALA A 186 10.57 12.53 -24.74
CA ALA A 186 11.23 11.43 -25.48
C ALA A 186 12.50 10.94 -24.76
N ASN A 187 13.16 11.78 -23.95
CA ASN A 187 14.35 11.39 -23.15
C ASN A 187 13.98 10.29 -22.15
N ALA A 188 12.93 10.54 -21.36
CA ALA A 188 12.42 9.65 -20.29
C ALA A 188 11.80 8.40 -20.91
N PHE A 189 10.80 8.62 -21.73
CA PHE A 189 10.00 7.52 -22.30
C PHE A 189 10.64 7.17 -23.66
N ASN A 190 11.72 6.36 -23.61
CA ASN A 190 12.51 5.90 -24.77
C ASN A 190 12.10 4.47 -25.12
N ASN A 191 12.73 3.87 -26.15
CA ASN A 191 12.30 2.60 -26.81
C ASN A 191 12.59 1.39 -25.91
N SER A 192 13.41 1.53 -24.87
CA SER A 192 13.66 0.47 -23.87
C SER A 192 12.44 0.32 -22.94
N ILE A 193 11.58 1.34 -22.83
CA ILE A 193 10.49 1.40 -21.80
C ILE A 193 9.11 1.30 -22.49
N ILE A 194 8.89 2.02 -23.59
CA ILE A 194 7.55 2.24 -24.18
C ILE A 194 7.40 1.43 -25.46
N PRO A 195 6.17 1.13 -25.89
CA PRO A 195 5.92 0.56 -27.20
C PRO A 195 6.50 1.44 -28.31
N GLU A 196 6.95 0.83 -29.40
CA GLU A 196 7.63 1.50 -30.53
C GLU A 196 6.66 2.48 -31.21
N ASP A 197 5.36 2.14 -31.25
CA ASP A 197 4.29 2.96 -31.92
C ASP A 197 3.61 3.90 -30.90
N THR A 198 4.31 4.35 -29.86
CA THR A 198 3.75 5.31 -28.88
C THR A 198 3.62 6.66 -29.59
N PHE A 199 2.50 7.32 -29.37
CA PHE A 199 2.13 8.59 -30.01
C PHE A 199 2.68 9.75 -29.16
N PHE A 200 3.34 10.72 -29.81
CA PHE A 200 3.94 11.93 -29.19
C PHE A 200 3.37 13.18 -29.88
N PRO A 201 2.12 13.56 -29.54
CA PRO A 201 1.56 14.81 -30.06
C PRO A 201 2.31 16.02 -29.49
N SER A 202 2.46 17.06 -30.29
CA SER A 202 3.07 18.36 -29.87
C SER A 202 2.02 19.16 -29.09
N PRO A 203 2.44 19.96 -28.08
CA PRO A 203 1.53 20.91 -27.42
C PRO A 203 1.00 22.00 -28.37
N GLN B 2 -13.02 -6.72 18.13
CA GLN B 2 -12.19 -5.59 17.64
C GLN B 2 -10.93 -5.47 18.51
N VAL B 3 -9.78 -5.41 17.85
CA VAL B 3 -8.46 -5.14 18.46
C VAL B 3 -8.13 -3.67 18.15
N THR B 4 -7.82 -2.90 19.19
CA THR B 4 -7.51 -1.45 19.07
C THR B 4 -6.02 -1.24 19.35
N GLN B 5 -5.29 -0.76 18.33
CA GLN B 5 -3.85 -0.44 18.38
C GLN B 5 -3.67 1.06 18.30
N ASN B 6 -2.75 1.58 19.11
CA ASN B 6 -2.35 3.01 19.09
C ASN B 6 -0.86 3.12 19.43
N PRO B 7 -0.15 4.03 18.76
CA PRO B 7 -0.70 4.76 17.62
C PRO B 7 -0.68 4.00 16.28
N ARG B 8 -1.40 4.55 15.31
CA ARG B 8 -1.47 4.07 13.93
C ARG B 8 -0.15 4.33 13.16
N TYR B 9 0.43 5.51 13.34
CA TYR B 9 1.76 5.89 12.81
C TYR B 9 2.59 6.53 13.93
N LEU B 10 3.90 6.29 13.90
CA LEU B 10 4.82 6.77 14.95
C LEU B 10 6.22 6.97 14.38
N ILE B 11 6.83 8.08 14.78
CA ILE B 11 8.26 8.39 14.51
C ILE B 11 8.94 8.56 15.87
N THR B 12 10.11 7.94 16.02
CA THR B 12 11.01 8.07 17.19
C THR B 12 12.46 8.14 16.71
N VAL B 13 13.31 8.84 17.47
CA VAL B 13 14.79 8.81 17.32
C VAL B 13 15.29 7.49 17.92
N THR B 14 16.33 6.92 17.33
CA THR B 14 17.11 5.79 17.92
C THR B 14 17.29 6.05 19.41
N GLY B 15 17.00 5.04 20.25
CA GLY B 15 17.35 5.03 21.67
C GLY B 15 16.28 5.60 22.59
N LYS B 16 15.26 6.28 22.07
CA LYS B 16 14.19 6.86 22.95
C LYS B 16 13.08 5.83 23.19
N LYS B 17 12.92 5.37 24.43
CA LYS B 17 11.92 4.33 24.82
C LYS B 17 10.53 4.68 24.29
N LEU B 18 9.79 3.68 23.84
CA LEU B 18 8.37 3.88 23.43
C LEU B 18 7.55 2.62 23.69
N THR B 19 6.24 2.81 23.78
CA THR B 19 5.24 1.77 24.05
C THR B 19 4.15 1.90 23.01
N VAL B 20 3.81 0.79 22.33
CA VAL B 20 2.60 0.69 21.46
C VAL B 20 1.56 -0.09 22.24
N THR B 21 0.35 0.45 22.36
CA THR B 21 -0.71 -0.15 23.19
C THR B 21 -1.55 -1.05 22.30
N CYS B 22 -2.09 -2.11 22.89
CA CYS B 22 -3.09 -2.99 22.26
C CYS B 22 -4.09 -3.45 23.31
N SER B 23 -5.37 -3.25 23.03
CA SER B 23 -6.42 -3.69 23.90
C SER B 23 -7.52 -4.32 23.07
N GLN B 24 -8.19 -5.31 23.64
CA GLN B 24 -9.29 -5.97 22.97
C GLN B 24 -10.53 -5.92 23.85
N ASN B 25 -11.68 -5.57 23.25
CA ASN B 25 -12.97 -5.52 23.92
C ASN B 25 -13.56 -6.88 24.33
N MET B 26 -13.20 -7.90 23.56
CA MET B 26 -13.65 -9.27 23.77
C MET B 26 -12.87 -9.70 25.01
N ASN B 27 -13.15 -10.87 25.57
CA ASN B 27 -12.46 -11.31 26.79
C ASN B 27 -11.34 -12.33 26.60
N HIS B 28 -10.72 -12.34 25.43
CA HIS B 28 -9.71 -13.31 25.09
C HIS B 28 -8.45 -13.44 25.94
N GLU B 29 -8.05 -14.69 26.19
CA GLU B 29 -6.87 -15.05 27.01
C GLU B 29 -5.59 -14.80 26.19
N TYR B 30 -5.56 -15.23 24.93
CA TYR B 30 -4.36 -15.24 24.06
C TYR B 30 -4.30 -13.97 23.22
N MET B 31 -3.18 -13.26 23.33
CA MET B 31 -2.83 -12.10 22.48
C MET B 31 -1.36 -12.23 22.05
N SER B 32 -1.00 -11.61 20.93
CA SER B 32 0.39 -11.70 20.39
C SER B 32 0.70 -10.47 19.54
N TRP B 33 1.99 -10.25 19.33
CA TRP B 33 2.55 -9.16 18.49
C TRP B 33 3.31 -9.80 17.33
N TYR B 34 3.12 -9.23 16.15
CA TYR B 34 3.82 -9.53 14.89
C TYR B 34 4.45 -8.25 14.33
N ARG B 35 5.54 -8.42 13.60
CA ARG B 35 6.03 -7.41 12.65
C ARG B 35 5.94 -8.00 11.23
N GLN B 36 5.59 -7.14 10.27
CA GLN B 36 5.46 -7.49 8.86
C GLN B 36 6.50 -6.68 8.09
N ASP B 37 7.43 -7.36 7.43
CA ASP B 37 8.55 -6.75 6.66
C ASP B 37 8.61 -7.40 5.29
N PRO B 38 8.92 -6.64 4.22
CA PRO B 38 9.01 -7.20 2.88
C PRO B 38 9.90 -8.44 2.83
N GLY B 39 9.36 -9.54 2.30
CA GLY B 39 10.05 -10.83 2.11
C GLY B 39 10.12 -11.68 3.38
N LEU B 40 9.62 -11.21 4.52
CA LEU B 40 9.75 -11.94 5.81
C LEU B 40 8.38 -12.28 6.40
N GLY B 41 7.28 -12.07 5.65
CA GLY B 41 5.92 -12.38 6.11
C GLY B 41 5.60 -11.75 7.46
N LEU B 42 4.77 -12.42 8.24
CA LEU B 42 4.38 -11.97 9.61
C LEU B 42 5.18 -12.76 10.63
N ARG B 43 6.08 -12.10 11.35
CA ARG B 43 6.97 -12.76 12.33
C ARG B 43 6.48 -12.45 13.74
N GLN B 44 6.35 -13.47 14.58
CA GLN B 44 5.80 -13.35 15.93
C GLN B 44 6.92 -12.81 16.83
N ILE B 45 6.66 -11.70 17.50
CA ILE B 45 7.63 -11.04 18.42
C ILE B 45 7.50 -11.66 19.81
N TYR B 46 6.27 -11.69 20.34
CA TYR B 46 5.90 -12.07 21.72
C TYR B 46 4.45 -12.53 21.73
N TYR B 47 4.11 -13.43 22.65
CA TYR B 47 2.72 -13.88 22.86
C TYR B 47 2.43 -14.05 24.35
N SER B 48 1.16 -13.90 24.70
CA SER B 48 0.65 -13.98 26.08
C SER B 48 -0.53 -14.94 26.10
N MET B 49 -0.34 -16.15 26.65
CA MET B 49 -1.42 -17.17 26.66
C MET B 49 -2.53 -16.71 27.62
N ASN B 50 -2.20 -15.91 28.65
CA ASN B 50 -3.21 -15.43 29.62
C ASN B 50 -2.64 -14.31 30.50
N VAL B 51 -3.47 -13.80 31.41
CA VAL B 51 -3.07 -12.75 32.39
C VAL B 51 -1.79 -13.23 33.07
N GLU B 52 -0.77 -12.35 33.06
CA GLU B 52 0.53 -12.53 33.77
C GLU B 52 1.34 -13.69 33.17
N VAL B 53 0.99 -14.18 31.98
CA VAL B 53 1.78 -15.20 31.23
C VAL B 53 2.29 -14.57 29.93
N THR B 54 3.61 -14.50 29.78
CA THR B 54 4.27 -13.93 28.57
C THR B 54 5.43 -14.84 28.17
N ASP B 55 5.62 -14.95 26.85
CA ASP B 55 6.62 -15.85 26.25
C ASP B 55 7.19 -15.14 25.01
N LYS B 56 8.51 -15.19 24.87
CA LYS B 56 9.21 -14.66 23.70
C LYS B 56 8.72 -15.40 22.45
N GLY B 57 8.49 -14.68 21.36
CA GLY B 57 8.18 -15.29 20.06
C GLY B 57 9.45 -15.69 19.34
N ASP B 58 9.40 -15.70 18.00
CA ASP B 58 10.55 -16.06 17.14
C ASP B 58 11.57 -14.93 17.09
N VAL B 59 11.15 -13.66 17.20
CA VAL B 59 12.08 -12.50 17.03
C VAL B 59 11.89 -11.51 18.17
N PRO B 60 12.19 -11.93 19.42
CA PRO B 60 11.93 -11.10 20.60
C PRO B 60 12.95 -10.00 20.90
N GLU B 61 14.14 -10.05 20.30
CA GLU B 61 15.29 -9.20 20.71
C GLU B 61 14.90 -7.73 20.49
N GLY B 62 15.00 -6.91 21.53
CA GLY B 62 14.74 -5.46 21.46
C GLY B 62 13.31 -5.12 21.84
N TYR B 63 12.50 -6.14 22.16
CA TYR B 63 11.08 -5.95 22.56
C TYR B 63 10.87 -6.50 23.96
N LYS B 64 9.90 -5.92 24.65
CA LYS B 64 9.31 -6.44 25.89
C LYS B 64 7.80 -6.25 25.82
N VAL B 65 7.07 -7.05 26.58
CA VAL B 65 5.60 -6.96 26.73
C VAL B 65 5.26 -6.96 28.22
N SER B 66 3.98 -6.71 28.53
CA SER B 66 3.38 -6.95 29.86
C SER B 66 1.93 -7.39 29.68
N ARG B 67 1.40 -8.15 30.63
CA ARG B 67 -0.02 -8.58 30.63
C ARG B 67 -0.57 -8.53 32.06
N LYS B 68 -0.56 -7.34 32.67
CA LYS B 68 -1.11 -7.08 34.03
C LYS B 68 -2.62 -7.32 33.98
N GLU B 69 -3.26 -6.89 32.89
CA GLU B 69 -4.72 -6.99 32.65
C GLU B 69 -4.96 -7.92 31.46
N LYS B 70 -6.11 -8.59 31.44
CA LYS B 70 -6.58 -9.42 30.29
C LYS B 70 -6.74 -8.53 29.05
N ARG B 71 -7.22 -7.29 29.23
CA ARG B 71 -7.69 -6.41 28.11
C ARG B 71 -6.51 -5.86 27.30
N ASN B 72 -5.35 -5.65 27.93
CA ASN B 72 -4.22 -4.89 27.33
C ASN B 72 -2.99 -5.79 27.17
N PHE B 73 -2.26 -5.65 26.05
CA PHE B 73 -0.98 -6.35 25.78
C PHE B 73 -0.03 -5.38 25.09
N PRO B 74 0.61 -4.46 25.85
CA PRO B 74 1.47 -3.44 25.26
C PRO B 74 2.83 -3.99 24.79
N LEU B 75 3.37 -3.39 23.72
CA LEU B 75 4.70 -3.71 23.18
C LEU B 75 5.65 -2.56 23.51
N ILE B 76 6.74 -2.88 24.19
CA ILE B 76 7.71 -1.89 24.74
C ILE B 76 9.04 -2.05 24.00
N LEU B 77 9.49 -0.97 23.36
CA LEU B 77 10.85 -0.87 22.76
C LEU B 77 11.66 0.04 23.68
N GLU B 78 12.50 -0.55 24.54
CA GLU B 78 13.31 0.19 25.55
C GLU B 78 14.27 1.12 24.80
N SER B 79 14.97 0.62 23.78
CA SER B 79 16.00 1.38 23.01
C SER B 79 15.80 1.15 21.52
N PRO B 80 14.79 1.81 20.91
CA PRO B 80 14.50 1.63 19.49
C PRO B 80 15.77 1.75 18.63
N SER B 81 15.95 0.83 17.68
CA SER B 81 17.03 0.87 16.67
C SER B 81 16.40 0.94 15.27
N PRO B 82 17.14 1.47 14.28
CA PRO B 82 16.65 1.58 12.91
C PRO B 82 16.03 0.28 12.37
N ASN B 83 16.54 -0.86 12.78
CA ASN B 83 16.06 -2.14 12.31
C ASN B 83 14.68 -2.50 12.82
N GLN B 84 14.19 -1.76 13.79
CA GLN B 84 12.82 -1.97 14.35
C GLN B 84 11.82 -1.10 13.60
N THR B 85 12.28 -0.35 12.60
CA THR B 85 11.38 0.29 11.62
C THR B 85 10.57 -0.83 10.97
N SER B 86 9.26 -0.85 11.16
CA SER B 86 8.40 -1.96 10.65
C SER B 86 6.93 -1.57 10.73
N LEU B 87 6.07 -2.50 10.30
CA LEU B 87 4.60 -2.43 10.52
C LEU B 87 4.26 -3.49 11.58
N TYR B 88 3.65 -3.07 12.71
CA TYR B 88 3.39 -3.94 13.87
C TYR B 88 1.90 -4.27 13.92
N PHE B 89 1.59 -5.53 14.19
CA PHE B 89 0.19 -5.99 14.30
C PHE B 89 0.01 -6.75 15.61
N CYS B 90 -1.03 -6.36 16.34
CA CYS B 90 -1.51 -7.05 17.54
C CYS B 90 -2.60 -8.02 17.10
N ALA B 91 -2.56 -9.23 17.62
CA ALA B 91 -3.52 -10.29 17.30
C ALA B 91 -4.15 -10.79 18.60
N SER B 92 -5.43 -11.15 18.56
CA SER B 92 -6.04 -11.95 19.65
C SER B 92 -6.72 -13.16 19.00
N ARG B 93 -6.77 -14.26 19.73
CA ARG B 93 -7.23 -15.57 19.22
C ARG B 93 -8.71 -15.71 19.57
N LEU B 94 -9.51 -15.94 18.54
CA LEU B 94 -10.93 -16.13 18.65
C LEU B 94 -11.20 -17.42 19.40
N THR B 95 -12.28 -17.42 20.15
CA THR B 95 -12.67 -18.54 20.99
C THR B 95 -13.75 -19.46 20.43
N GLY B 96 -14.12 -19.26 19.19
CA GLY B 96 -15.15 -20.06 18.57
C GLY B 96 -14.62 -21.40 18.14
N ARG B 97 -15.44 -22.18 17.44
CA ARG B 97 -15.03 -23.49 16.99
C ARG B 97 -13.80 -23.31 16.12
N VAL B 98 -13.82 -22.26 15.32
CA VAL B 98 -12.68 -21.97 14.46
C VAL B 98 -11.82 -20.91 15.15
N HIS B 99 -10.61 -21.28 15.51
CA HIS B 99 -9.70 -20.36 16.18
C HIS B 99 -8.85 -19.47 15.26
N GLY B 100 -9.50 -18.54 14.60
CA GLY B 100 -8.81 -17.59 13.77
C GLY B 100 -8.33 -16.47 14.65
N TYR B 101 -7.55 -15.57 14.09
CA TYR B 101 -7.06 -14.35 14.76
C TYR B 101 -7.88 -13.17 14.28
N THR B 102 -8.09 -12.21 15.17
CA THR B 102 -8.55 -10.84 14.85
C THR B 102 -7.34 -9.93 15.10
N PHE B 103 -7.08 -9.03 14.16
CA PHE B 103 -5.88 -8.18 14.13
C PHE B 103 -6.29 -6.72 14.30
N GLY B 104 -5.46 -5.95 15.00
CA GLY B 104 -5.49 -4.47 14.98
C GLY B 104 -5.22 -3.97 13.58
N SER B 105 -5.27 -2.65 13.39
N SER B 105 -5.29 -2.65 13.39
CA SER B 105 -5.16 -2.00 12.07
CA SER B 105 -5.17 -2.01 12.06
C SER B 105 -3.71 -1.62 11.77
C SER B 105 -3.69 -1.82 11.68
N GLY B 106 -2.77 -2.00 12.64
CA GLY B 106 -1.33 -1.85 12.39
C GLY B 106 -0.78 -0.55 12.98
N THR B 107 0.48 -0.59 13.37
CA THR B 107 1.30 0.57 13.77
C THR B 107 2.53 0.63 12.86
N ARG B 108 2.61 1.67 12.04
CA ARG B 108 3.78 1.95 11.17
CA ARG B 108 3.77 1.93 11.17
C ARG B 108 4.78 2.75 11.99
N LEU B 109 5.86 2.11 12.44
CA LEU B 109 6.92 2.74 13.26
C LEU B 109 8.11 3.00 12.36
N THR B 110 8.58 4.23 12.32
CA THR B 110 9.85 4.60 11.67
C THR B 110 10.78 5.13 12.75
N VAL B 111 11.94 4.49 12.88
CA VAL B 111 13.03 4.87 13.83
C VAL B 111 14.08 5.61 13.00
N VAL B 112 14.42 6.84 13.38
CA VAL B 112 15.24 7.80 12.57
C VAL B 112 16.48 8.20 13.39
N GLU B 113 17.60 8.49 12.73
CA GLU B 113 18.85 8.96 13.38
C GLU B 113 18.57 10.32 14.02
N ASP B 114 17.84 11.18 13.30
CA ASP B 114 17.61 12.59 13.70
C ASP B 114 16.21 12.99 13.25
N LEU B 115 15.42 13.62 14.12
CA LEU B 115 14.08 14.15 13.76
C LEU B 115 14.22 15.21 12.67
N LYS B 116 15.39 15.81 12.53
CA LYS B 116 15.57 16.81 11.49
C LYS B 116 15.48 16.24 10.07
N ASN B 117 15.44 14.93 9.97
CA ASN B 117 15.27 14.23 8.66
C ASN B 117 13.80 14.23 8.21
N VAL B 118 12.87 14.54 9.10
CA VAL B 118 11.40 14.49 8.88
C VAL B 118 10.93 15.78 8.16
N PHE B 119 10.27 15.59 7.02
CA PHE B 119 9.82 16.67 6.11
C PHE B 119 8.41 16.34 5.63
N PRO B 120 7.48 17.31 5.67
CA PRO B 120 6.18 17.13 5.07
C PRO B 120 6.30 17.17 3.55
N PRO B 121 5.28 16.70 2.81
CA PRO B 121 5.30 16.76 1.35
C PRO B 121 5.06 18.18 0.87
N GLU B 122 5.65 18.52 -0.27
CA GLU B 122 5.17 19.61 -1.15
C GLU B 122 4.27 18.97 -2.21
N VAL B 123 3.18 19.62 -2.61
CA VAL B 123 2.14 18.99 -3.48
C VAL B 123 1.86 19.94 -4.64
N ALA B 124 1.92 19.41 -5.85
CA ALA B 124 1.66 20.18 -7.10
C ALA B 124 0.64 19.40 -7.92
N VAL B 125 -0.28 20.09 -8.59
CA VAL B 125 -1.16 19.45 -9.60
C VAL B 125 -0.79 20.03 -10.95
N PHE B 126 -0.79 19.17 -11.97
CA PHE B 126 -0.47 19.48 -13.38
C PHE B 126 -1.75 19.23 -14.17
N GLU B 127 -2.20 20.20 -14.96
CA GLU B 127 -3.53 20.18 -15.62
C GLU B 127 -3.50 19.31 -16.87
N PRO B 128 -4.67 18.78 -17.29
CA PRO B 128 -4.77 18.00 -18.52
C PRO B 128 -4.20 18.72 -19.74
N SER B 129 -3.40 17.98 -20.52
CA SER B 129 -2.89 18.29 -21.89
C SER B 129 -4.07 18.59 -22.85
N GLU B 130 -4.02 19.66 -23.66
CA GLU B 130 -5.00 19.83 -24.77
C GLU B 130 -4.81 18.68 -25.77
N ALA B 131 -3.58 18.24 -25.98
CA ALA B 131 -3.26 17.10 -26.86
C ALA B 131 -4.06 15.85 -26.42
N GLU B 132 -4.09 15.53 -25.12
CA GLU B 132 -4.86 14.35 -24.63
C GLU B 132 -6.35 14.55 -24.91
N ILE B 133 -6.85 15.74 -24.55
CA ILE B 133 -8.28 16.12 -24.70
C ILE B 133 -8.68 15.89 -26.16
N SER B 134 -7.89 16.40 -27.11
CA SER B 134 -8.13 16.23 -28.57
C SER B 134 -8.08 14.75 -28.96
N HIS B 135 -7.09 14.00 -28.49
CA HIS B 135 -6.88 12.61 -28.95
C HIS B 135 -7.95 11.69 -28.35
N THR B 136 -8.38 11.94 -27.12
CA THR B 136 -9.10 10.91 -26.32
C THR B 136 -10.47 11.37 -25.83
N GLN B 137 -10.76 12.68 -25.80
CA GLN B 137 -11.98 13.26 -25.17
C GLN B 137 -12.00 12.88 -23.68
N LYS B 138 -10.81 12.68 -23.11
CA LYS B 138 -10.57 12.47 -21.65
C LYS B 138 -9.51 13.48 -21.20
N ALA B 139 -9.47 13.72 -19.89
CA ALA B 139 -8.61 14.75 -19.28
C ALA B 139 -8.00 14.18 -18.01
N THR B 140 -6.67 14.09 -17.97
CA THR B 140 -5.91 13.51 -16.85
C THR B 140 -5.21 14.61 -16.06
N LEU B 141 -5.50 14.68 -14.77
CA LEU B 141 -4.77 15.53 -13.81
C LEU B 141 -3.69 14.67 -13.17
N VAL B 142 -2.53 15.27 -12.96
CA VAL B 142 -1.37 14.63 -12.29
C VAL B 142 -1.08 15.37 -10.98
N CYS B 143 -1.09 14.62 -9.89
CA CYS B 143 -0.65 15.09 -8.57
C CYS B 143 0.76 14.57 -8.30
N LEU B 144 1.67 15.44 -7.87
CA LEU B 144 3.05 15.11 -7.50
C LEU B 144 3.27 15.60 -6.07
N ALA B 145 3.50 14.67 -5.14
CA ALA B 145 3.95 14.90 -3.76
C ALA B 145 5.44 14.63 -3.72
N THR B 146 6.23 15.58 -3.23
CA THR B 146 7.71 15.56 -3.26
C THR B 146 8.28 16.01 -1.91
N GLY B 147 9.47 15.51 -1.59
CA GLY B 147 10.32 16.04 -0.51
C GLY B 147 9.93 15.52 0.86
N PHE B 148 9.10 14.49 0.96
CA PHE B 148 8.59 14.02 2.27
C PHE B 148 9.46 12.87 2.80
N TYR B 149 9.52 12.82 4.12
CA TYR B 149 10.20 11.77 4.92
C TYR B 149 9.61 11.75 6.32
N PRO B 150 9.28 10.58 6.91
CA PRO B 150 9.36 9.29 6.23
C PRO B 150 8.23 9.06 5.21
N ASP B 151 8.11 7.84 4.67
CA ASP B 151 7.16 7.50 3.59
C ASP B 151 5.82 7.12 4.21
N HIS B 152 5.31 7.99 5.07
CA HIS B 152 4.04 7.86 5.83
C HIS B 152 3.02 8.82 5.20
N VAL B 153 2.46 8.51 4.02
CA VAL B 153 1.46 9.42 3.38
C VAL B 153 0.23 8.64 2.90
N GLU B 154 -0.90 9.33 2.82
CA GLU B 154 -2.13 8.85 2.16
C GLU B 154 -2.58 9.92 1.20
N LEU B 155 -2.62 9.59 -0.09
CA LEU B 155 -3.02 10.56 -1.15
C LEU B 155 -4.47 10.27 -1.51
N SER B 156 -5.32 11.29 -1.56
CA SER B 156 -6.73 11.19 -1.97
C SER B 156 -7.03 12.30 -2.96
N TRP B 157 -8.09 12.11 -3.74
CA TRP B 157 -8.62 13.09 -4.70
C TRP B 157 -10.02 13.52 -4.27
N TRP B 158 -10.28 14.81 -4.41
CA TRP B 158 -11.55 15.48 -4.02
C TRP B 158 -12.04 16.31 -5.19
N VAL B 159 -13.27 16.05 -5.61
CA VAL B 159 -13.94 16.78 -6.72
C VAL B 159 -15.19 17.42 -6.12
N ASN B 160 -15.29 18.75 -6.17
CA ASN B 160 -16.47 19.49 -5.62
C ASN B 160 -16.68 19.09 -4.16
N GLY B 161 -15.60 18.89 -3.40
CA GLY B 161 -15.66 18.70 -1.93
C GLY B 161 -15.97 17.28 -1.53
N LYS B 162 -16.03 16.33 -2.48
CA LYS B 162 -16.30 14.92 -2.19
C LYS B 162 -15.09 14.11 -2.64
N GLU B 163 -14.63 13.18 -1.81
CA GLU B 163 -13.55 12.25 -2.21
C GLU B 163 -14.05 11.38 -3.37
N VAL B 164 -13.22 11.16 -4.40
CA VAL B 164 -13.56 10.30 -5.56
C VAL B 164 -12.63 9.09 -5.60
N HIS B 165 -13.04 8.03 -6.28
CA HIS B 165 -12.25 6.80 -6.46
C HIS B 165 -12.20 6.43 -7.94
N SER B 166 -13.29 6.67 -8.65
CA SER B 166 -13.36 6.46 -10.12
C SER B 166 -12.36 7.39 -10.78
N GLY B 167 -11.58 6.86 -11.72
CA GLY B 167 -10.57 7.63 -12.46
C GLY B 167 -9.27 7.80 -11.69
N VAL B 168 -9.17 7.25 -10.47
CA VAL B 168 -7.95 7.41 -9.63
C VAL B 168 -7.05 6.20 -9.83
N CYS B 169 -5.80 6.48 -10.11
CA CYS B 169 -4.73 5.45 -10.24
C CYS B 169 -3.49 6.03 -9.56
N THR B 170 -2.94 5.34 -8.55
CA THR B 170 -1.86 5.90 -7.71
C THR B 170 -0.62 5.00 -7.73
N ASP B 171 0.58 5.58 -7.79
CA ASP B 171 1.86 4.83 -7.68
C ASP B 171 1.72 3.89 -6.50
N PRO B 172 2.11 2.60 -6.64
CA PRO B 172 1.95 1.61 -5.57
C PRO B 172 2.91 1.86 -4.40
N GLN B 173 4.02 2.57 -4.61
CA GLN B 173 4.89 3.00 -3.49
C GLN B 173 5.61 4.29 -3.87
N PRO B 174 6.02 5.16 -2.91
CA PRO B 174 6.81 6.35 -3.24
C PRO B 174 8.18 5.95 -3.80
N LEU B 175 8.84 6.82 -4.57
CA LEU B 175 10.23 6.57 -5.01
C LEU B 175 11.15 7.46 -4.20
N LYS B 176 12.40 7.05 -4.05
CA LYS B 176 13.44 7.86 -3.38
C LYS B 176 13.94 8.91 -4.37
N GLU B 177 13.93 10.16 -3.94
CA GLU B 177 14.42 11.31 -4.73
C GLU B 177 15.96 11.30 -4.80
N GLN B 178 16.64 10.77 -3.79
CA GLN B 178 18.10 10.80 -3.71
C GLN B 178 18.58 9.42 -3.28
N PRO B 179 18.39 8.38 -4.14
CA PRO B 179 18.62 7.00 -3.74
C PRO B 179 20.08 6.64 -3.46
N ALA B 180 21.03 7.51 -3.85
CA ALA B 180 22.48 7.29 -3.54
C ALA B 180 22.75 7.65 -2.08
N LEU B 181 21.81 8.32 -1.39
CA LEU B 181 21.93 8.83 0.00
C LEU B 181 21.06 8.00 0.96
N ASN B 182 21.54 7.81 2.20
N ASN B 182 21.54 7.81 2.20
CA ASN B 182 20.90 6.96 3.23
CA ASN B 182 20.88 6.93 3.21
C ASN B 182 19.58 7.58 3.70
C ASN B 182 19.63 7.60 3.80
N ASP B 183 19.46 8.91 3.64
CA ASP B 183 18.34 9.62 4.31
C ASP B 183 17.41 10.20 3.24
N SER B 184 17.21 9.48 2.14
CA SER B 184 16.49 10.04 0.97
C SER B 184 15.05 10.41 1.34
N ARG B 185 14.61 11.56 0.87
CA ARG B 185 13.18 11.94 0.88
C ARG B 185 12.50 11.27 -0.31
N TYR B 186 11.17 11.35 -0.35
CA TYR B 186 10.30 10.52 -1.21
C TYR B 186 9.42 11.42 -2.09
N ALA B 187 9.02 10.89 -3.23
CA ALA B 187 8.02 11.49 -4.13
C ALA B 187 6.97 10.41 -4.41
N LEU B 188 5.73 10.82 -4.66
CA LEU B 188 4.58 9.94 -4.97
C LEU B 188 3.70 10.67 -5.94
N SER B 189 3.24 9.98 -6.98
CA SER B 189 2.34 10.58 -7.98
C SER B 189 1.02 9.80 -7.99
N SER B 190 0.00 10.47 -8.46
CA SER B 190 -1.35 9.90 -8.67
C SER B 190 -1.97 10.62 -9.87
N ARG B 191 -2.86 9.91 -10.56
CA ARG B 191 -3.66 10.46 -11.69
C ARG B 191 -5.13 10.39 -11.34
N LEU B 192 -5.87 11.41 -11.75
CA LEU B 192 -7.34 11.39 -11.75
C LEU B 192 -7.78 11.71 -13.18
N ARG B 193 -8.54 10.81 -13.77
CA ARG B 193 -9.02 11.00 -15.14
C ARG B 193 -10.54 11.15 -15.14
N VAL B 194 -10.99 12.17 -15.85
CA VAL B 194 -12.43 12.45 -16.06
C VAL B 194 -12.69 12.68 -17.57
N SER B 195 -13.93 12.86 -17.99
CA SER B 195 -14.23 13.25 -19.39
C SER B 195 -13.71 14.67 -19.63
N ALA B 196 -13.38 14.98 -20.88
CA ALA B 196 -13.04 16.33 -21.35
C ALA B 196 -14.18 17.29 -20.99
N THR B 197 -15.44 16.86 -21.16
CA THR B 197 -16.64 17.69 -20.82
C THR B 197 -16.58 18.09 -19.34
N PHE B 198 -16.32 17.15 -18.45
CA PHE B 198 -16.27 17.40 -16.98
C PHE B 198 -15.13 18.36 -16.68
N TRP B 199 -13.95 18.14 -17.27
CA TRP B 199 -12.77 19.02 -17.06
C TRP B 199 -13.08 20.42 -17.59
N GLN B 200 -13.87 20.52 -18.65
CA GLN B 200 -14.08 21.80 -19.36
C GLN B 200 -15.08 22.68 -18.60
N ASN B 201 -15.70 22.15 -17.55
CA ASN B 201 -16.73 22.88 -16.76
C ASN B 201 -16.02 23.64 -15.66
N PRO B 202 -15.92 24.99 -15.76
CA PRO B 202 -15.15 25.77 -14.79
C PRO B 202 -15.79 25.84 -13.38
N ARG B 203 -16.99 25.29 -13.20
CA ARG B 203 -17.61 25.09 -11.87
C ARG B 203 -16.92 23.91 -11.16
N ASN B 204 -16.33 22.97 -11.90
CA ASN B 204 -15.71 21.76 -11.30
C ASN B 204 -14.39 22.17 -10.61
N HIS B 205 -14.23 21.71 -9.37
CA HIS B 205 -13.03 21.95 -8.54
C HIS B 205 -12.35 20.59 -8.24
N PHE B 206 -11.03 20.51 -8.44
CA PHE B 206 -10.22 19.28 -8.25
C PHE B 206 -9.16 19.56 -7.20
N ARG B 207 -9.06 18.70 -6.19
CA ARG B 207 -8.02 18.87 -5.15
C ARG B 207 -7.32 17.54 -4.93
N CYS B 208 -5.99 17.55 -4.99
CA CYS B 208 -5.24 16.36 -4.51
CA CYS B 208 -5.16 16.40 -4.54
C CYS B 208 -4.72 16.65 -3.11
N GLN B 209 -5.03 15.73 -2.20
CA GLN B 209 -4.76 15.86 -0.76
C GLN B 209 -3.72 14.81 -0.40
N VAL B 210 -2.66 15.24 0.28
CA VAL B 210 -1.70 14.30 0.90
C VAL B 210 -1.76 14.46 2.41
N GLN B 211 -2.25 13.43 3.07
CA GLN B 211 -2.17 13.27 4.54
C GLN B 211 -0.75 12.79 4.85
N PHE B 212 -0.04 13.57 5.65
CA PHE B 212 1.32 13.24 6.12
C PHE B 212 1.27 12.94 7.60
N TYR B 213 1.85 11.82 8.00
CA TYR B 213 1.93 11.39 9.41
C TYR B 213 3.34 11.74 9.91
N GLY B 214 3.39 12.70 10.84
CA GLY B 214 4.64 13.38 11.21
C GLY B 214 4.90 13.28 12.70
N LEU B 215 5.57 14.30 13.23
CA LEU B 215 5.91 14.40 14.66
C LEU B 215 4.63 14.63 15.47
N SER B 216 4.67 14.24 16.75
CA SER B 216 3.60 14.43 17.76
C SER B 216 3.96 15.61 18.66
N GLU B 217 3.07 15.97 19.59
CA GLU B 217 3.28 17.07 20.57
C GLU B 217 4.44 16.74 21.51
N ASN B 218 4.62 15.46 21.86
CA ASN B 218 5.65 14.99 22.83
C ASN B 218 7.06 15.11 22.24
N ASP B 219 7.19 15.13 20.91
CA ASP B 219 8.49 15.27 20.22
C ASP B 219 9.02 16.68 20.39
N GLU B 220 10.27 16.81 20.85
CA GLU B 220 11.01 18.09 20.91
C GLU B 220 11.36 18.53 19.49
N TRP B 221 11.28 19.82 19.19
CA TRP B 221 11.71 20.38 17.89
C TRP B 221 12.53 21.65 18.14
N THR B 222 13.71 21.74 17.52
CA THR B 222 14.69 22.84 17.68
C THR B 222 15.16 23.39 16.33
N GLN B 223 14.56 22.97 15.21
CA GLN B 223 14.95 23.46 13.88
C GLN B 223 14.24 24.78 13.60
N ASP B 224 14.77 25.60 12.71
CA ASP B 224 14.15 26.90 12.35
C ASP B 224 12.81 26.60 11.65
N ARG B 225 12.81 25.67 10.67
CA ARG B 225 11.62 25.36 9.85
C ARG B 225 10.51 24.79 10.72
N ALA B 226 9.27 24.97 10.28
CA ALA B 226 8.06 24.49 10.97
C ALA B 226 8.29 23.06 11.47
N LYS B 227 7.86 22.75 12.69
CA LYS B 227 7.80 21.35 13.19
C LYS B 227 6.98 20.53 12.18
N PRO B 228 7.53 19.46 11.58
CA PRO B 228 6.77 18.62 10.64
C PRO B 228 5.78 17.70 11.35
N VAL B 229 4.72 18.28 11.91
CA VAL B 229 3.62 17.55 12.58
C VAL B 229 2.69 16.91 11.53
N THR B 230 1.82 16.01 11.99
CA THR B 230 0.76 15.36 11.18
C THR B 230 -0.14 16.45 10.58
N GLN B 231 -0.31 16.42 9.26
CA GLN B 231 -0.92 17.55 8.52
C GLN B 231 -1.39 17.06 7.14
N ILE B 232 -2.28 17.83 6.53
CA ILE B 232 -2.64 17.72 5.09
C ILE B 232 -1.94 18.82 4.28
N VAL B 233 -1.42 18.46 3.12
CA VAL B 233 -0.88 19.41 2.12
C VAL B 233 -1.65 19.09 0.85
N SER B 234 -2.24 20.09 0.22
CA SER B 234 -3.11 19.91 -0.98
C SER B 234 -2.62 20.80 -2.12
N ALA B 235 -3.00 20.43 -3.34
CA ALA B 235 -2.90 21.30 -4.52
C ALA B 235 -4.22 21.15 -5.27
N GLU B 236 -4.62 22.20 -5.97
CA GLU B 236 -5.97 22.29 -6.56
C GLU B 236 -5.91 22.74 -8.01
N ALA B 237 -6.99 22.45 -8.74
CA ALA B 237 -7.22 22.99 -10.09
C ALA B 237 -8.72 23.21 -10.26
N TRP B 238 -9.07 24.16 -11.12
CA TRP B 238 -10.47 24.40 -11.54
C TRP B 238 -10.59 23.97 -12.99
N GLY B 239 -11.78 23.52 -13.39
CA GLY B 239 -12.08 23.21 -14.80
C GLY B 239 -11.73 24.40 -15.69
N ARG B 240 -11.33 24.12 -16.92
CA ARG B 240 -10.97 25.14 -17.87
C ARG B 240 -11.87 25.01 -19.08
N ALA B 241 -12.55 26.08 -19.43
CA ALA B 241 -13.43 26.12 -20.61
C ALA B 241 -12.55 25.95 -21.86
N ASP B 242 -12.99 25.14 -22.82
CA ASP B 242 -12.32 25.03 -24.14
C ASP B 242 -12.38 26.41 -24.80
#